data_5D67
#
_entry.id   5D67
#
_cell.length_a   43.407
_cell.length_b   67.187
_cell.length_c   70.697
_cell.angle_alpha   90.000
_cell.angle_beta   100.050
_cell.angle_gamma   90.000
#
_symmetry.space_group_name_H-M   'P 1 21 1'
#
loop_
_entity.id
_entity.type
_entity.pdbx_description
1 polymer 'EF-hand calcium-binding domain-containing protein 6'
2 non-polymer 'SULFATE ION'
3 water water
#
_entity_poly.entity_id   1
_entity_poly.type   'polypeptide(L)'
_entity_poly.pdbx_seq_one_letter_code
;GATADRDILARLHKAVTSHYHAITQEFENFDT(MSE)KTNTISREEFRAICNRRVQILTDEQFGRLWNE(MSE)PVNAKG
RLKYPDFLSRFSSETAATP(MSE)ATGDSAVAQR
;
_entity_poly.pdbx_strand_id   A,B,C,D
#
# COMPACT_ATOMS: atom_id res chain seq x y z
N GLY A 1 13.33 5.61 15.15
CA GLY A 1 13.35 7.03 15.47
C GLY A 1 14.51 7.79 14.84
N ALA A 2 14.90 8.89 15.50
CA ALA A 2 16.01 9.77 15.09
C ALA A 2 17.35 9.02 14.86
N THR A 3 17.64 7.96 15.64
CA THR A 3 18.88 7.16 15.47
C THR A 3 18.96 6.51 14.09
N ALA A 4 17.84 5.95 13.59
CA ALA A 4 17.80 5.32 12.25
C ALA A 4 18.20 6.34 11.17
N ASP A 5 17.65 7.57 11.32
CA ASP A 5 17.89 8.69 10.42
C ASP A 5 19.37 9.09 10.46
N ARG A 6 19.95 9.22 11.67
CA ARG A 6 21.37 9.56 11.87
C ARG A 6 22.31 8.48 11.30
N ASP A 7 21.94 7.18 11.40
CA ASP A 7 22.77 6.08 10.82
C ASP A 7 22.91 6.24 9.30
N ILE A 8 21.77 6.58 8.64
CA ILE A 8 21.74 6.80 7.18
C ILE A 8 22.60 8.03 6.84
N LEU A 9 22.53 9.10 7.65
CA LEU A 9 23.33 10.31 7.43
C LEU A 9 24.82 10.03 7.52
N ALA A 10 25.25 9.20 8.51
CA ALA A 10 26.65 8.80 8.68
C ALA A 10 27.14 8.01 7.44
N ARG A 11 26.30 7.12 6.92
CA ARG A 11 26.63 6.33 5.72
C ARG A 11 26.73 7.24 4.49
N LEU A 12 25.87 8.28 4.44
CA LEU A 12 25.88 9.24 3.35
C LEU A 12 27.17 10.04 3.41
N HIS A 13 27.58 10.46 4.65
CA HIS A 13 28.83 11.20 4.87
CA HIS A 13 28.82 11.20 4.85
C HIS A 13 30.01 10.38 4.35
N LYS A 14 30.08 9.09 4.74
CA LYS A 14 31.14 8.18 4.33
C LYS A 14 31.20 8.05 2.79
N ALA A 15 30.04 7.89 2.12
CA ALA A 15 30.01 7.74 0.66
C ALA A 15 30.53 8.98 -0.07
N VAL A 16 30.11 10.18 0.35
CA VAL A 16 30.53 11.45 -0.26
C VAL A 16 32.03 11.66 -0.07
N THR A 17 32.59 11.36 1.11
CA THR A 17 34.03 11.58 1.33
C THR A 17 34.88 10.53 0.59
N SER A 18 34.35 9.31 0.44
CA SER A 18 35.07 8.22 -0.22
C SER A 18 35.00 8.30 -1.73
N HIS A 19 33.91 8.87 -2.30
CA HIS A 19 33.73 8.93 -3.76
C HIS A 19 33.32 10.32 -4.19
N TYR A 20 34.02 11.34 -3.68
CA TYR A 20 33.70 12.75 -3.93
C TYR A 20 33.60 13.10 -5.42
N HIS A 21 34.66 12.76 -6.18
CA HIS A 21 34.76 13.06 -7.60
C HIS A 21 33.69 12.33 -8.42
N ALA A 22 33.44 11.05 -8.16
CA ALA A 22 32.43 10.30 -8.91
C ALA A 22 31.00 10.85 -8.63
N ILE A 23 30.71 11.20 -7.36
CA ILE A 23 29.41 11.74 -6.97
C ILE A 23 29.22 13.12 -7.60
N THR A 24 30.27 13.98 -7.60
CA THR A 24 30.20 15.30 -8.24
C THR A 24 29.85 15.12 -9.75
N GLN A 25 30.53 14.20 -10.45
CA GLN A 25 30.29 13.93 -11.87
C GLN A 25 28.83 13.49 -12.11
N GLU A 26 28.29 12.63 -11.21
CA GLU A 26 26.90 12.17 -11.30
C GLU A 26 25.94 13.36 -11.20
N PHE A 27 26.20 14.28 -10.25
CA PHE A 27 25.36 15.49 -10.11
C PHE A 27 25.45 16.33 -11.39
N GLU A 28 26.69 16.59 -11.87
CA GLU A 28 26.93 17.40 -13.06
C GLU A 28 26.27 16.80 -14.29
N ASN A 29 26.26 15.47 -14.46
CA ASN A 29 25.64 14.82 -15.60
C ASN A 29 24.12 14.92 -15.55
N PHE A 30 23.52 14.91 -14.35
CA PHE A 30 22.08 15.12 -14.23
C PHE A 30 21.72 16.63 -14.41
N ASP A 31 22.66 17.52 -14.04
CA ASP A 31 22.41 18.96 -14.07
C ASP A 31 22.90 19.51 -15.40
N THR A 32 22.22 19.15 -16.49
CA THR A 32 22.59 19.52 -17.87
CA THR A 32 22.68 19.54 -17.84
C THR A 32 22.53 21.05 -18.11
N LYS A 34 23.01 23.35 -15.85
CA LYS A 34 23.89 23.99 -14.87
C LYS A 34 23.11 24.99 -13.99
N THR A 35 22.09 24.46 -13.31
CA THR A 35 21.26 25.25 -12.40
C THR A 35 21.71 25.02 -10.95
N ASN A 36 22.72 24.12 -10.73
CA ASN A 36 23.26 23.73 -9.41
C ASN A 36 22.21 22.92 -8.64
N THR A 37 21.30 22.26 -9.37
CA THR A 37 20.28 21.42 -8.73
C THR A 37 20.09 20.13 -9.52
N ILE A 38 19.52 19.15 -8.84
CA ILE A 38 19.09 17.90 -9.44
C ILE A 38 17.71 17.57 -8.82
N SER A 39 16.93 16.68 -9.44
CA SER A 39 15.62 16.35 -8.91
C SER A 39 15.72 15.38 -7.72
N ARG A 40 14.62 15.28 -6.97
CA ARG A 40 14.48 14.40 -5.83
C ARG A 40 14.76 12.92 -6.24
N GLU A 41 14.15 12.49 -7.38
CA GLU A 41 14.28 11.14 -7.92
C GLU A 41 15.69 10.84 -8.39
N GLU A 42 16.38 11.83 -8.96
CA GLU A 42 17.78 11.66 -9.39
C GLU A 42 18.68 11.49 -8.17
N PHE A 43 18.39 12.23 -7.07
CA PHE A 43 19.16 12.10 -5.84
C PHE A 43 18.97 10.69 -5.24
N ARG A 44 17.74 10.19 -5.27
CA ARG A 44 17.43 8.84 -4.80
C ARG A 44 18.20 7.79 -5.61
N ALA A 45 18.31 7.97 -6.93
CA ALA A 45 19.04 7.06 -7.81
C ALA A 45 20.53 7.04 -7.40
N ILE A 46 21.09 8.21 -7.04
CA ILE A 46 22.48 8.31 -6.57
C ILE A 46 22.61 7.57 -5.22
N CYS A 47 21.66 7.78 -4.28
CA CYS A 47 21.65 7.13 -2.97
C CYS A 47 21.63 5.63 -3.14
N ASN A 48 20.80 5.11 -4.09
CA ASN A 48 20.70 3.65 -4.32
C ASN A 48 22.04 3.05 -4.62
N ARG A 49 22.80 3.73 -5.48
CA ARG A 49 24.10 3.28 -5.94
C ARG A 49 25.21 3.45 -4.90
N ARG A 50 25.25 4.62 -4.23
CA ARG A 50 26.34 4.99 -3.33
C ARG A 50 26.16 4.72 -1.86
N VAL A 51 24.92 4.68 -1.36
CA VAL A 51 24.68 4.53 0.07
C VAL A 51 23.95 3.24 0.35
N GLN A 52 22.66 3.18 -0.01
CA GLN A 52 21.83 1.99 0.13
C GLN A 52 20.50 2.23 -0.56
N ILE A 53 19.77 1.14 -0.80
CA ILE A 53 18.45 1.24 -1.40
C ILE A 53 17.51 1.50 -0.23
N LEU A 54 17.09 2.75 -0.12
CA LEU A 54 16.22 3.19 0.96
C LEU A 54 14.77 2.89 0.66
N THR A 55 13.99 2.62 1.70
CA THR A 55 12.55 2.47 1.61
C THR A 55 11.96 3.86 1.38
N ASP A 56 10.69 3.96 0.97
CA ASP A 56 10.06 5.25 0.75
C ASP A 56 10.07 6.10 2.03
N GLU A 57 9.86 5.45 3.19
CA GLU A 57 9.84 6.11 4.51
C GLU A 57 11.22 6.65 4.87
N GLN A 58 12.26 5.83 4.70
CA GLN A 58 13.65 6.24 4.96
C GLN A 58 14.05 7.35 4.02
N PHE A 59 13.67 7.26 2.73
CA PHE A 59 14.05 8.30 1.77
C PHE A 59 13.35 9.64 2.10
N GLY A 60 12.07 9.58 2.49
CA GLY A 60 11.30 10.78 2.86
C GLY A 60 11.99 11.54 3.99
N ARG A 61 12.46 10.78 4.99
CA ARG A 61 13.16 11.35 6.15
C ARG A 61 14.54 11.85 5.78
N LEU A 62 15.26 11.14 4.90
CA LEU A 62 16.56 11.62 4.42
C LEU A 62 16.38 12.94 3.67
N TRP A 63 15.40 12.98 2.74
CA TRP A 63 15.10 14.18 1.94
C TRP A 63 14.81 15.39 2.85
N ASN A 64 14.15 15.17 4.00
CA ASN A 64 13.86 16.22 5.01
C ASN A 64 15.15 16.82 5.60
N GLU A 65 16.26 16.06 5.56
CA GLU A 65 17.52 16.55 6.12
C GLU A 65 18.41 17.21 5.05
N PRO A 67 19.55 19.89 1.79
CA PRO A 67 19.29 21.31 1.45
C PRO A 67 18.43 21.34 0.17
N VAL A 68 17.12 21.49 0.34
CA VAL A 68 16.15 21.47 -0.74
C VAL A 68 15.65 22.88 -1.00
N ASN A 69 15.55 23.30 -2.26
CA ASN A 69 15.08 24.64 -2.57
C ASN A 69 13.52 24.67 -2.60
N ALA A 70 12.95 25.85 -2.85
CA ALA A 70 11.50 26.11 -2.89
C ALA A 70 10.79 25.35 -4.02
N LYS A 71 11.55 24.86 -5.03
CA LYS A 71 11.01 24.12 -6.17
C LYS A 71 11.16 22.60 -5.98
N GLY A 72 11.47 22.17 -4.75
CA GLY A 72 11.63 20.76 -4.40
C GLY A 72 12.83 20.09 -5.05
N ARG A 73 13.88 20.87 -5.33
CA ARG A 73 15.08 20.30 -5.98
C ARG A 73 16.27 20.35 -5.03
N LEU A 74 17.18 19.39 -5.20
CA LEU A 74 18.36 19.33 -4.33
C LEU A 74 19.42 20.39 -4.71
N LYS A 75 19.85 21.19 -3.73
CA LYS A 75 20.94 22.19 -3.93
C LYS A 75 22.24 21.41 -3.75
N TYR A 76 22.72 20.73 -4.82
CA TYR A 76 23.80 19.75 -4.67
C TYR A 76 25.18 20.37 -4.29
N PRO A 77 25.56 21.62 -4.66
CA PRO A 77 26.84 22.13 -4.15
C PRO A 77 26.80 22.31 -2.63
N ASP A 78 25.64 22.71 -2.05
CA ASP A 78 25.45 22.81 -0.58
C ASP A 78 25.56 21.43 0.06
N PHE A 79 24.97 20.42 -0.59
CA PHE A 79 25.04 19.02 -0.14
C PHE A 79 26.51 18.56 -0.13
N LEU A 80 27.24 18.83 -1.23
CA LEU A 80 28.63 18.39 -1.36
C LEU A 80 29.51 19.05 -0.31
N SER A 81 29.26 20.33 -0.01
CA SER A 81 29.99 21.09 1.01
C SER A 81 29.76 20.50 2.43
N ARG A 82 28.51 20.17 2.78
CA ARG A 82 28.22 19.62 4.10
C ARG A 82 28.72 18.16 4.26
N PHE A 83 28.56 17.31 3.23
CA PHE A 83 28.88 15.89 3.39
C PHE A 83 30.33 15.51 3.03
N SER A 84 31.18 16.49 2.69
CA SER A 84 32.60 16.22 2.41
C SER A 84 33.50 16.78 3.52
N SER A 85 32.90 17.52 4.49
CA SER A 85 33.62 18.10 5.63
C SER A 85 34.15 17.00 6.54
N GLU A 86 35.35 17.20 7.12
CA GLU A 86 36.01 16.25 8.01
C GLU A 86 35.32 16.21 9.38
N GLY B 1 -1.11 10.04 -17.84
CA GLY B 1 -2.32 9.23 -17.92
C GLY B 1 -2.09 7.88 -18.60
N ALA B 2 -3.13 7.36 -19.26
CA ALA B 2 -3.08 6.04 -19.90
C ALA B 2 -1.91 5.90 -20.88
N THR B 3 -1.66 6.89 -21.76
CA THR B 3 -0.57 6.76 -22.74
C THR B 3 0.79 6.80 -22.03
N ALA B 4 0.99 7.69 -21.05
CA ALA B 4 2.25 7.76 -20.33
C ALA B 4 2.57 6.42 -19.66
N ASP B 5 1.57 5.82 -19.08
CA ASP B 5 1.56 4.51 -18.41
C ASP B 5 1.99 3.41 -19.39
N ARG B 6 1.31 3.35 -20.54
CA ARG B 6 1.60 2.39 -21.60
C ARG B 6 2.99 2.58 -22.18
N ASP B 7 3.48 3.83 -22.32
CA ASP B 7 4.84 4.12 -22.83
C ASP B 7 5.89 3.54 -21.90
N ILE B 8 5.69 3.66 -20.58
CA ILE B 8 6.62 3.09 -19.58
C ILE B 8 6.59 1.55 -19.67
N LEU B 9 5.41 0.95 -19.83
CA LEU B 9 5.28 -0.50 -19.98
C LEU B 9 5.99 -1.00 -21.24
N ALA B 10 5.85 -0.27 -22.38
CA ALA B 10 6.51 -0.61 -23.65
C ALA B 10 8.01 -0.52 -23.52
N ARG B 11 8.53 0.50 -22.82
CA ARG B 11 9.96 0.64 -22.59
C ARG B 11 10.47 -0.47 -21.69
N LEU B 12 9.67 -0.89 -20.71
CA LEU B 12 10.04 -1.97 -19.83
C LEU B 12 10.10 -3.28 -20.63
N HIS B 13 9.11 -3.51 -21.54
CA HIS B 13 9.10 -4.70 -22.39
CA HIS B 13 9.06 -4.67 -22.45
C HIS B 13 10.32 -4.72 -23.32
N LYS B 14 10.68 -3.57 -23.91
CA LYS B 14 11.84 -3.44 -24.80
C LYS B 14 13.13 -3.77 -24.02
N ALA B 15 13.29 -3.24 -22.78
CA ALA B 15 14.47 -3.48 -21.96
C ALA B 15 14.66 -4.98 -21.65
N VAL B 16 13.57 -5.63 -21.26
CA VAL B 16 13.54 -7.04 -20.89
C VAL B 16 13.86 -7.91 -22.10
N THR B 17 13.25 -7.68 -23.28
CA THR B 17 13.55 -8.48 -24.48
C THR B 17 14.96 -8.19 -25.05
N SER B 18 15.52 -6.97 -24.88
CA SER B 18 16.86 -6.59 -25.39
C SER B 18 18.03 -7.03 -24.50
N HIS B 19 17.79 -7.15 -23.18
CA HIS B 19 18.84 -7.49 -22.21
C HIS B 19 18.35 -8.57 -21.28
N TYR B 20 17.68 -9.60 -21.81
CA TYR B 20 17.02 -10.63 -21.00
C TYR B 20 17.91 -11.30 -19.94
N HIS B 21 19.03 -11.92 -20.31
CA HIS B 21 19.84 -12.57 -19.27
C HIS B 21 20.54 -11.59 -18.35
N ALA B 22 20.85 -10.37 -18.83
CA ALA B 22 21.47 -9.33 -18.01
C ALA B 22 20.50 -8.82 -16.96
N ILE B 23 19.23 -8.63 -17.36
CA ILE B 23 18.21 -8.16 -16.43
C ILE B 23 17.83 -9.30 -15.45
N THR B 24 17.80 -10.55 -15.93
CA THR B 24 17.54 -11.70 -15.04
C THR B 24 18.63 -11.76 -13.96
N GLN B 25 19.91 -11.58 -14.34
CA GLN B 25 21.05 -11.59 -13.41
C GLN B 25 20.90 -10.48 -12.36
N GLU B 26 20.43 -9.32 -12.77
CA GLU B 26 20.21 -8.18 -11.90
C GLU B 26 19.14 -8.53 -10.85
N PHE B 27 18.03 -9.18 -11.25
CA PHE B 27 17.01 -9.63 -10.28
C PHE B 27 17.59 -10.67 -9.34
N GLU B 28 18.35 -11.66 -9.88
CA GLU B 28 18.95 -12.76 -9.11
C GLU B 28 19.95 -12.25 -8.09
N ASN B 29 20.72 -11.19 -8.41
CA ASN B 29 21.69 -10.61 -7.48
C ASN B 29 20.99 -9.90 -6.31
N PHE B 30 19.80 -9.33 -6.52
CA PHE B 30 19.05 -8.77 -5.38
C PHE B 30 18.37 -9.88 -4.57
N ASP B 31 18.04 -11.00 -5.19
CA ASP B 31 17.38 -12.11 -4.52
C ASP B 31 18.46 -12.97 -3.86
N THR B 32 19.05 -12.43 -2.78
CA THR B 32 20.13 -13.04 -2.02
C THR B 32 19.72 -14.36 -1.34
N LYS B 34 17.40 -16.41 -2.53
CA LYS B 34 16.95 -17.26 -3.66
C LYS B 34 15.51 -17.76 -3.43
N THR B 35 14.61 -16.81 -3.21
CA THR B 35 13.20 -17.08 -2.96
C THR B 35 12.36 -16.72 -4.16
N ASN B 36 12.98 -16.21 -5.24
CA ASN B 36 12.27 -15.80 -6.49
C ASN B 36 11.43 -14.51 -6.31
N THR B 37 11.81 -13.69 -5.36
CA THR B 37 11.19 -12.38 -5.13
C THR B 37 12.27 -11.31 -4.92
N ILE B 38 11.92 -10.04 -5.15
CA ILE B 38 12.78 -8.89 -4.83
C ILE B 38 11.86 -7.81 -4.21
N SER B 39 12.44 -6.82 -3.52
CA SER B 39 11.63 -5.79 -2.91
C SER B 39 11.21 -4.75 -3.97
N ARG B 40 10.21 -3.95 -3.60
CA ARG B 40 9.69 -2.85 -4.40
C ARG B 40 10.79 -1.84 -4.77
N GLU B 41 11.61 -1.45 -3.79
CA GLU B 41 12.67 -0.45 -3.95
C GLU B 41 13.80 -1.00 -4.81
N GLU B 42 14.07 -2.30 -4.72
CA GLU B 42 15.07 -2.94 -5.58
C GLU B 42 14.57 -2.96 -7.04
N PHE B 43 13.26 -3.19 -7.24
CA PHE B 43 12.68 -3.17 -8.59
C PHE B 43 12.80 -1.76 -9.20
N ARG B 44 12.57 -0.75 -8.37
CA ARG B 44 12.71 0.65 -8.79
C ARG B 44 14.16 0.95 -9.21
N ALA B 45 15.15 0.42 -8.46
CA ALA B 45 16.56 0.58 -8.79
C ALA B 45 16.85 -0.04 -10.16
N ILE B 46 16.23 -1.19 -10.49
CA ILE B 46 16.36 -1.83 -11.81
C ILE B 46 15.74 -0.93 -12.89
N CYS B 47 14.53 -0.39 -12.64
CA CYS B 47 13.85 0.51 -13.57
C CYS B 47 14.69 1.75 -13.85
N ASN B 48 15.35 2.32 -12.82
CA ASN B 48 16.20 3.51 -12.97
C ASN B 48 17.31 3.24 -13.98
N ARG B 49 17.94 2.05 -13.90
CA ARG B 49 19.06 1.63 -14.76
C ARG B 49 18.63 1.24 -16.16
N ARG B 50 17.56 0.44 -16.28
CA ARG B 50 17.14 -0.17 -17.52
C ARG B 50 16.10 0.58 -18.32
N VAL B 51 15.25 1.38 -17.67
CA VAL B 51 14.13 2.02 -18.36
C VAL B 51 14.30 3.54 -18.29
N GLN B 52 14.09 4.13 -17.12
CA GLN B 52 14.21 5.56 -16.86
C GLN B 52 14.04 5.82 -15.37
N ILE B 53 14.40 7.03 -14.94
CA ILE B 53 14.22 7.41 -13.54
C ILE B 53 12.80 7.93 -13.45
N LEU B 54 11.92 7.09 -12.91
CA LEU B 54 10.51 7.40 -12.76
C LEU B 54 10.23 8.28 -11.57
N THR B 55 9.21 9.13 -11.69
CA THR B 55 8.73 9.95 -10.58
C THR B 55 8.01 9.01 -9.64
N ASP B 56 7.72 9.46 -8.40
CA ASP B 56 6.98 8.63 -7.43
C ASP B 56 5.62 8.22 -7.98
N GLU B 57 4.94 9.14 -8.71
CA GLU B 57 3.63 8.89 -9.30
C GLU B 57 3.73 7.83 -10.42
N GLN B 58 4.70 7.98 -11.33
CA GLN B 58 4.92 7.02 -12.41
C GLN B 58 5.28 5.65 -11.84
N PHE B 59 6.15 5.61 -10.81
CA PHE B 59 6.53 4.34 -10.23
C PHE B 59 5.33 3.67 -9.50
N GLY B 60 4.53 4.46 -8.79
CA GLY B 60 3.36 3.96 -8.06
C GLY B 60 2.39 3.24 -8.96
N ARG B 61 2.13 3.84 -10.13
CA ARG B 61 1.24 3.33 -11.16
C ARG B 61 1.86 2.09 -11.82
N LEU B 62 3.19 2.10 -12.07
CA LEU B 62 3.86 0.92 -12.62
C LEU B 62 3.75 -0.25 -11.63
N TRP B 63 4.06 0.00 -10.35
CA TRP B 63 4.02 -1.03 -9.31
C TRP B 63 2.63 -1.68 -9.23
N ASN B 64 1.55 -0.88 -9.40
CA ASN B 64 0.16 -1.37 -9.40
C ASN B 64 -0.09 -2.36 -10.54
N GLU B 65 0.70 -2.32 -11.61
CA GLU B 65 0.53 -3.21 -12.76
C GLU B 65 1.38 -4.49 -12.64
N PRO B 67 3.26 -8.14 -10.95
CA PRO B 67 2.80 -9.31 -10.18
C PRO B 67 3.44 -9.24 -8.79
N VAL B 68 2.69 -8.73 -7.83
CA VAL B 68 3.16 -8.48 -6.46
C VAL B 68 2.52 -9.49 -5.52
N ASN B 69 3.32 -10.11 -4.62
CA ASN B 69 2.76 -11.10 -3.70
C ASN B 69 2.13 -10.41 -2.46
N ALA B 70 1.61 -11.22 -1.52
CA ALA B 70 0.93 -10.79 -0.29
C ALA B 70 1.86 -10.04 0.67
N LYS B 71 3.18 -10.18 0.52
CA LYS B 71 4.16 -9.50 1.35
C LYS B 71 4.75 -8.24 0.65
N GLY B 72 4.10 -7.78 -0.42
CA GLY B 72 4.50 -6.58 -1.16
C GLY B 72 5.81 -6.72 -1.90
N ARG B 73 6.14 -7.95 -2.32
CA ARG B 73 7.39 -8.19 -3.02
C ARG B 73 7.11 -8.58 -4.46
N LEU B 74 8.04 -8.26 -5.36
CA LEU B 74 7.87 -8.58 -6.78
C LEU B 74 8.15 -10.08 -7.06
N LYS B 75 7.18 -10.75 -7.70
CA LYS B 75 7.35 -12.15 -8.16
C LYS B 75 8.07 -12.04 -9.49
N TYR B 76 9.39 -11.86 -9.45
CA TYR B 76 10.10 -11.48 -10.68
C TYR B 76 10.12 -12.55 -11.76
N PRO B 77 10.09 -13.89 -11.51
CA PRO B 77 10.01 -14.82 -12.65
C PRO B 77 8.71 -14.62 -13.44
N ASP B 78 7.59 -14.29 -12.76
CA ASP B 78 6.30 -13.97 -13.42
C ASP B 78 6.44 -12.72 -14.25
N PHE B 79 7.18 -11.73 -13.74
CA PHE B 79 7.43 -10.48 -14.45
C PHE B 79 8.25 -10.77 -15.74
N LEU B 80 9.30 -11.58 -15.61
CA LEU B 80 10.16 -11.89 -16.75
C LEU B 80 9.39 -12.64 -17.84
N SER B 81 8.48 -13.54 -17.44
CA SER B 81 7.62 -14.30 -18.34
C SER B 81 6.67 -13.39 -19.14
N ARG B 82 6.03 -12.41 -18.47
CA ARG B 82 5.12 -11.45 -19.10
C ARG B 82 5.82 -10.45 -20.02
N PHE B 83 6.99 -9.95 -19.65
CA PHE B 83 7.68 -8.89 -20.41
C PHE B 83 8.75 -9.41 -21.41
N SER B 84 8.82 -10.73 -21.63
CA SER B 84 9.76 -11.27 -22.62
C SER B 84 9.00 -11.95 -23.79
N SER B 85 7.65 -12.05 -23.71
CA SER B 85 6.76 -12.65 -24.70
C SER B 85 6.85 -11.98 -26.09
N GLY C 1 -18.95 -16.02 10.52
CA GLY C 1 -18.65 -16.77 9.31
C GLY C 1 -17.44 -16.23 8.58
N ALA C 2 -17.21 -16.69 7.33
CA ALA C 2 -16.08 -16.22 6.51
C ALA C 2 -16.13 -14.69 6.27
N THR C 3 -17.35 -14.14 6.02
CA THR C 3 -17.54 -12.71 5.78
C THR C 3 -17.15 -11.89 7.01
N ALA C 4 -17.57 -12.33 8.23
CA ALA C 4 -17.22 -11.64 9.48
C ALA C 4 -15.69 -11.58 9.63
N ASP C 5 -14.98 -12.70 9.33
CA ASP C 5 -13.51 -12.82 9.38
C ASP C 5 -12.86 -11.86 8.41
N ARG C 6 -13.36 -11.80 7.15
CA ARG C 6 -12.84 -10.90 6.10
C ARG C 6 -13.02 -9.43 6.48
N ASP C 7 -14.16 -9.08 7.10
CA ASP C 7 -14.47 -7.70 7.53
C ASP C 7 -13.46 -7.23 8.56
N ILE C 8 -13.13 -8.11 9.54
CA ILE C 8 -12.14 -7.85 10.59
C ILE C 8 -10.75 -7.68 9.93
N LEU C 9 -10.41 -8.50 8.92
CA LEU C 9 -9.12 -8.37 8.21
C LEU C 9 -8.99 -7.04 7.50
N ALA C 10 -10.06 -6.60 6.82
CA ALA C 10 -10.10 -5.31 6.11
C ALA C 10 -9.92 -4.15 7.11
N ARG C 11 -10.56 -4.24 8.29
CA ARG C 11 -10.46 -3.21 9.33
C ARG C 11 -9.07 -3.21 9.93
N LEU C 12 -8.46 -4.40 10.04
CA LEU C 12 -7.09 -4.52 10.53
C LEU C 12 -6.13 -3.86 9.51
N HIS C 13 -6.35 -4.08 8.19
CA HIS C 13 -5.52 -3.47 7.15
CA HIS C 13 -5.57 -3.48 7.09
C HIS C 13 -5.62 -1.96 7.21
N LYS C 14 -6.86 -1.41 7.36
CA LYS C 14 -7.12 0.02 7.46
C LYS C 14 -6.39 0.61 8.68
N ALA C 15 -6.48 -0.05 9.86
CA ALA C 15 -5.83 0.41 11.09
C ALA C 15 -4.30 0.47 10.91
N VAL C 16 -3.71 -0.55 10.28
CA VAL C 16 -2.27 -0.62 10.08
C VAL C 16 -1.79 0.51 9.15
N THR C 17 -2.46 0.74 8.02
CA THR C 17 -2.05 1.80 7.09
C THR C 17 -2.31 3.20 7.67
N SER C 18 -3.35 3.37 8.48
CA SER C 18 -3.68 4.67 9.09
C SER C 18 -2.78 5.01 10.29
N HIS C 19 -2.32 4.00 11.03
CA HIS C 19 -1.52 4.21 12.24
C HIS C 19 -0.27 3.33 12.23
N TYR C 20 0.42 3.29 11.09
CA TYR C 20 1.63 2.48 10.86
C TYR C 20 2.71 2.70 11.91
N HIS C 21 3.12 3.95 12.13
CA HIS C 21 4.21 4.25 13.06
C HIS C 21 3.85 4.00 14.51
N ALA C 22 2.59 4.31 14.93
CA ALA C 22 2.17 4.02 16.30
C ALA C 22 2.12 2.49 16.55
N ILE C 23 1.63 1.72 15.57
CA ILE C 23 1.53 0.27 15.69
C ILE C 23 2.96 -0.33 15.70
N THR C 24 3.88 0.17 14.83
CA THR C 24 5.27 -0.29 14.81
C THR C 24 5.92 -0.06 16.19
N GLN C 25 5.75 1.16 16.78
CA GLN C 25 6.28 1.49 18.09
C GLN C 25 5.73 0.54 19.17
N GLU C 26 4.42 0.21 19.11
CA GLU C 26 3.79 -0.72 20.05
C GLU C 26 4.46 -2.10 19.92
N PHE C 27 4.70 -2.59 18.69
CA PHE C 27 5.38 -3.88 18.50
C PHE C 27 6.80 -3.83 19.08
N GLU C 28 7.56 -2.77 18.74
CA GLU C 28 8.95 -2.61 19.19
C GLU C 28 9.03 -2.55 20.73
N ASN C 29 8.10 -1.83 21.37
CA ASN C 29 8.09 -1.70 22.84
C ASN C 29 7.74 -3.04 23.53
N PHE C 30 6.87 -3.85 22.92
CA PHE C 30 6.56 -5.17 23.44
C PHE C 30 7.70 -6.14 23.18
N ASP C 31 8.45 -5.94 22.07
CA ASP C 31 9.56 -6.81 21.69
C ASP C 31 10.82 -6.37 22.44
N THR C 32 10.85 -6.70 23.74
CA THR C 32 11.91 -6.30 24.65
C THR C 32 13.27 -6.96 24.31
N LYS C 34 14.17 -7.89 21.27
CA LYS C 34 14.41 -7.54 19.86
C LYS C 34 14.60 -8.81 19.01
N THR C 35 13.60 -9.69 19.07
CA THR C 35 13.57 -10.96 18.34
C THR C 35 12.64 -10.87 17.13
N ASN C 36 12.01 -9.70 16.92
CA ASN C 36 11.06 -9.44 15.81
C ASN C 36 9.75 -10.23 16.01
N THR C 37 9.43 -10.51 17.29
CA THR C 37 8.18 -11.19 17.64
C THR C 37 7.52 -10.52 18.84
N ILE C 38 6.23 -10.70 18.99
CA ILE C 38 5.46 -10.27 20.18
C ILE C 38 4.55 -11.44 20.55
N SER C 39 4.03 -11.46 21.78
CA SER C 39 3.15 -12.56 22.15
C SER C 39 1.73 -12.40 21.56
N ARG C 40 0.98 -13.51 21.57
CA ARG C 40 -0.41 -13.58 21.11
CA ARG C 40 -0.40 -13.58 21.12
C ARG C 40 -1.28 -12.59 21.90
N GLU C 41 -1.13 -12.55 23.24
CA GLU C 41 -1.87 -11.68 24.15
C GLU C 41 -1.54 -10.21 23.91
N GLU C 42 -0.27 -9.90 23.59
CA GLU C 42 0.13 -8.52 23.28
C GLU C 42 -0.50 -8.11 21.94
N PHE C 43 -0.58 -9.03 20.97
CA PHE C 43 -1.22 -8.71 19.68
C PHE C 43 -2.71 -8.44 19.87
N ARG C 44 -3.36 -9.22 20.73
CA ARG C 44 -4.76 -9.03 21.07
C ARG C 44 -4.99 -7.67 21.70
N ALA C 45 -4.06 -7.21 22.57
CA ALA C 45 -4.14 -5.91 23.22
C ALA C 45 -4.08 -4.81 22.17
N ILE C 46 -3.24 -4.98 21.13
CA ILE C 46 -3.14 -4.02 20.03
C ILE C 46 -4.48 -4.02 19.24
N CYS C 47 -5.03 -5.21 18.91
CA CYS C 47 -6.32 -5.34 18.21
C CYS C 47 -7.43 -4.68 18.97
N ASN C 48 -7.47 -4.85 20.32
CA ASN C 48 -8.51 -4.26 21.17
C ASN C 48 -8.55 -2.76 20.98
N ARG C 49 -7.37 -2.12 20.93
CA ARG C 49 -7.24 -0.69 20.82
C ARG C 49 -7.48 -0.16 19.41
N ARG C 50 -6.91 -0.84 18.40
CA ARG C 50 -6.88 -0.36 17.02
C ARG C 50 -8.01 -0.85 16.11
N VAL C 51 -8.62 -2.00 16.42
CA VAL C 51 -9.65 -2.57 15.54
C VAL C 51 -10.97 -2.69 16.29
N GLN C 52 -11.04 -3.64 17.24
CA GLN C 52 -12.21 -3.85 18.10
C GLN C 52 -11.87 -4.89 19.16
N ILE C 53 -12.71 -4.98 20.19
CA ILE C 53 -12.54 -5.97 21.22
C ILE C 53 -13.23 -7.22 20.71
N LEU C 54 -12.41 -8.14 20.24
CA LEU C 54 -12.89 -9.38 19.67
C LEU C 54 -13.21 -10.41 20.75
N THR C 55 -14.21 -11.26 20.46
CA THR C 55 -14.55 -12.38 21.33
C THR C 55 -13.42 -13.39 21.21
N ASP C 56 -13.34 -14.38 22.13
CA ASP C 56 -12.31 -15.43 22.02
C ASP C 56 -12.40 -16.16 20.68
N GLU C 57 -13.62 -16.41 20.19
CA GLU C 57 -13.86 -17.12 18.92
C GLU C 57 -13.38 -16.29 17.72
N GLN C 58 -13.74 -15.00 17.69
CA GLN C 58 -13.30 -14.08 16.64
C GLN C 58 -11.78 -13.91 16.65
N PHE C 59 -11.19 -13.77 17.85
CA PHE C 59 -9.74 -13.62 17.97
C PHE C 59 -9.02 -14.88 17.53
N GLY C 60 -9.53 -16.05 17.91
CA GLY C 60 -8.98 -17.35 17.52
C GLY C 60 -8.87 -17.46 16.02
N ARG C 61 -9.95 -17.03 15.29
CA ARG C 61 -10.01 -17.05 13.82
C ARG C 61 -9.05 -16.00 13.23
N LEU C 62 -8.96 -14.81 13.84
CA LEU C 62 -8.01 -13.81 13.37
C LEU C 62 -6.57 -14.34 13.50
N TRP C 63 -6.24 -14.89 14.67
CA TRP C 63 -4.90 -15.43 14.97
C TRP C 63 -4.51 -16.54 13.96
N ASN C 64 -5.50 -17.35 13.51
CA ASN C 64 -5.30 -18.39 12.50
C ASN C 64 -4.88 -17.80 11.15
N GLU C 65 -5.17 -16.51 10.91
CA GLU C 65 -4.83 -15.87 9.63
C GLU C 65 -3.50 -15.11 9.72
N PRO C 67 0.76 -14.39 10.60
CA PRO C 67 2.03 -15.14 10.48
C PRO C 67 2.58 -15.42 11.89
N VAL C 68 2.39 -16.65 12.34
CA VAL C 68 2.76 -17.09 13.69
C VAL C 68 3.93 -18.06 13.62
N ASN C 69 4.95 -17.87 14.47
CA ASN C 69 6.11 -18.77 14.44
C ASN C 69 5.85 -20.06 15.28
N ALA C 70 6.85 -20.97 15.35
CA ALA C 70 6.80 -22.25 16.03
C ALA C 70 6.60 -22.12 17.55
N LYS C 71 6.89 -20.95 18.11
CA LYS C 71 6.72 -20.72 19.55
C LYS C 71 5.39 -19.99 19.85
N GLY C 72 4.49 -19.91 18.88
CA GLY C 72 3.18 -19.27 19.04
C GLY C 72 3.26 -17.76 19.19
N ARG C 73 4.30 -17.14 18.61
CA ARG C 73 4.48 -15.70 18.71
C ARG C 73 4.26 -15.05 17.35
N LEU C 74 3.81 -13.79 17.36
CA LEU C 74 3.55 -13.08 16.12
C LEU C 74 4.84 -12.59 15.46
N LYS C 75 5.04 -12.92 14.18
CA LYS C 75 6.17 -12.43 13.38
C LYS C 75 5.76 -11.07 12.86
N TYR C 76 6.01 -9.98 13.64
CA TYR C 76 5.44 -8.67 13.26
C TYR C 76 6.09 -8.00 12.02
N PRO C 77 7.40 -8.13 11.63
CA PRO C 77 7.81 -7.51 10.35
C PRO C 77 7.02 -8.14 9.19
N ASP C 78 6.78 -9.50 9.22
CA ASP C 78 5.99 -10.22 8.22
C ASP C 78 4.53 -9.66 8.22
N PHE C 79 3.93 -9.51 9.42
CA PHE C 79 2.59 -8.94 9.57
C PHE C 79 2.54 -7.52 8.92
N LEU C 80 3.51 -6.66 9.27
CA LEU C 80 3.49 -5.28 8.74
C LEU C 80 3.60 -5.25 7.21
N SER C 81 4.42 -6.12 6.65
CA SER C 81 4.58 -6.19 5.21
C SER C 81 3.28 -6.62 4.51
N ARG C 82 2.46 -7.46 5.20
CA ARG C 82 1.20 -7.97 4.68
C ARG C 82 0.04 -6.98 4.88
N PHE C 83 0.07 -6.16 5.94
CA PHE C 83 -1.07 -5.27 6.23
C PHE C 83 -0.81 -3.77 5.99
N SER C 84 0.38 -3.42 5.47
CA SER C 84 0.70 -2.02 5.15
C SER C 84 0.74 -1.79 3.64
N SER C 85 0.43 -2.82 2.84
CA SER C 85 0.39 -2.81 1.36
C SER C 85 -0.60 -1.78 0.77
N ALA D 4 -16.89 -11.29 2.45
CA ALA D 4 -17.15 -10.26 1.45
C ALA D 4 -18.51 -9.56 1.68
N ASP D 5 -19.58 -10.37 1.92
CA ASP D 5 -20.99 -9.98 2.16
C ASP D 5 -21.18 -8.77 3.13
N ARG D 6 -20.89 -8.92 4.46
CA ARG D 6 -21.01 -7.88 5.51
C ARG D 6 -20.04 -6.74 5.27
N ASP D 7 -18.87 -7.00 4.61
CA ASP D 7 -18.01 -5.87 4.23
C ASP D 7 -18.77 -5.04 3.18
N ILE D 8 -19.43 -5.72 2.21
CA ILE D 8 -20.21 -5.06 1.16
C ILE D 8 -21.44 -4.38 1.82
N LEU D 9 -22.05 -5.01 2.84
CA LEU D 9 -23.19 -4.44 3.57
C LEU D 9 -22.79 -3.16 4.34
N ALA D 10 -21.61 -3.16 4.96
CA ALA D 10 -21.07 -1.98 5.66
C ALA D 10 -20.80 -0.83 4.67
N ARG D 11 -20.28 -1.16 3.48
CA ARG D 11 -20.00 -0.19 2.43
C ARG D 11 -21.30 0.34 1.85
N LEU D 12 -22.38 -0.49 1.86
CA LEU D 12 -23.72 -0.06 1.45
C LEU D 12 -24.25 0.93 2.47
N HIS D 13 -24.10 0.62 3.79
CA HIS D 13 -24.57 1.53 4.82
CA HIS D 13 -24.54 1.51 4.87
C HIS D 13 -23.88 2.89 4.70
N LYS D 14 -22.55 2.88 4.43
CA LYS D 14 -21.76 4.10 4.29
C LYS D 14 -22.25 4.93 3.08
N ALA D 15 -22.48 4.25 1.92
CA ALA D 15 -22.90 4.91 0.70
C ALA D 15 -24.28 5.57 0.86
N VAL D 16 -25.23 4.86 1.53
CA VAL D 16 -26.61 5.36 1.73
C VAL D 16 -26.59 6.57 2.69
N THR D 17 -25.82 6.51 3.79
CA THR D 17 -25.79 7.62 4.77
C THR D 17 -25.06 8.84 4.24
N SER D 18 -24.04 8.64 3.39
CA SER D 18 -23.27 9.74 2.82
C SER D 18 -23.99 10.44 1.67
N HIS D 19 -24.80 9.70 0.89
CA HIS D 19 -25.46 10.24 -0.30
C HIS D 19 -26.94 9.86 -0.31
N TYR D 20 -27.61 10.04 0.84
CA TYR D 20 -29.01 9.68 1.03
C TYR D 20 -29.95 10.30 -0.02
N HIS D 21 -29.86 11.62 -0.20
CA HIS D 21 -30.71 12.35 -1.12
C HIS D 21 -30.49 11.96 -2.59
N ALA D 22 -29.23 11.81 -3.04
CA ALA D 22 -28.92 11.41 -4.42
C ALA D 22 -29.40 9.97 -4.70
N ILE D 23 -29.21 9.04 -3.74
CA ILE D 23 -29.62 7.64 -3.88
C ILE D 23 -31.16 7.57 -3.91
N THR D 24 -31.86 8.34 -3.06
CA THR D 24 -33.33 8.39 -3.05
C THR D 24 -33.83 8.86 -4.45
N GLN D 25 -33.23 9.94 -5.00
CA GLN D 25 -33.58 10.46 -6.32
C GLN D 25 -33.37 9.43 -7.42
N GLU D 26 -32.25 8.67 -7.35
CA GLU D 26 -31.98 7.57 -8.31
C GLU D 26 -33.09 6.52 -8.25
N PHE D 27 -33.51 6.13 -7.03
CA PHE D 27 -34.60 5.15 -6.88
C PHE D 27 -35.91 5.70 -7.47
N GLU D 28 -36.24 6.94 -7.12
CA GLU D 28 -37.47 7.60 -7.57
C GLU D 28 -37.51 7.73 -9.09
N ASN D 29 -36.37 8.06 -9.72
CA ASN D 29 -36.29 8.19 -11.18
C ASN D 29 -36.45 6.84 -11.88
N PHE D 30 -35.98 5.75 -11.28
CA PHE D 30 -36.17 4.42 -11.86
C PHE D 30 -37.60 3.95 -11.63
N ASP D 31 -38.23 4.37 -10.51
CA ASP D 31 -39.58 3.96 -10.15
C ASP D 31 -40.60 4.90 -10.82
N THR D 32 -40.72 4.78 -12.15
CA THR D 32 -41.58 5.64 -12.97
C THR D 32 -43.09 5.46 -12.67
N LYS D 34 -44.26 4.56 -9.75
CA LYS D 34 -44.41 4.82 -8.31
C LYS D 34 -45.04 3.60 -7.59
N THR D 35 -44.36 2.48 -7.73
CA THR D 35 -44.78 1.22 -7.10
C THR D 35 -43.93 0.95 -5.86
N ASN D 36 -42.95 1.85 -5.54
CA ASN D 36 -42.01 1.72 -4.39
C ASN D 36 -41.02 0.58 -4.63
N THR D 37 -40.75 0.27 -5.91
CA THR D 37 -39.79 -0.77 -6.29
C THR D 37 -38.96 -0.35 -7.49
N ILE D 38 -37.79 -0.98 -7.65
CA ILE D 38 -36.97 -0.84 -8.85
C ILE D 38 -36.57 -2.27 -9.27
N SER D 39 -36.06 -2.45 -10.46
CA SER D 39 -35.67 -3.81 -10.85
C SER D 39 -34.31 -4.19 -10.21
N ARG D 40 -34.01 -5.48 -10.19
CA ARG D 40 -32.76 -6.07 -9.72
C ARG D 40 -31.56 -5.44 -10.49
N GLU D 41 -31.69 -5.34 -11.82
CA GLU D 41 -30.63 -4.78 -12.71
C GLU D 41 -30.43 -3.29 -12.46
N GLU D 42 -31.49 -2.54 -12.15
CA GLU D 42 -31.37 -1.11 -11.82
C GLU D 42 -30.67 -0.95 -10.47
N PHE D 43 -30.94 -1.87 -9.51
CA PHE D 43 -30.26 -1.84 -8.20
C PHE D 43 -28.78 -2.11 -8.37
N ARG D 44 -28.43 -3.09 -9.22
CA ARG D 44 -27.03 -3.41 -9.53
C ARG D 44 -26.34 -2.20 -10.16
N ALA D 45 -27.03 -1.44 -11.04
CA ALA D 45 -26.47 -0.24 -11.67
C ALA D 45 -26.17 0.81 -10.59
N ILE D 46 -27.05 0.94 -9.56
CA ILE D 46 -26.80 1.87 -8.44
C ILE D 46 -25.58 1.38 -7.62
N CYS D 47 -25.50 0.07 -7.31
CA CYS D 47 -24.35 -0.53 -6.58
C CYS D 47 -23.06 -0.28 -7.33
N ASN D 48 -23.06 -0.43 -8.67
CA ASN D 48 -21.85 -0.21 -9.49
C ASN D 48 -21.27 1.16 -9.25
N ARG D 49 -22.16 2.17 -9.21
CA ARG D 49 -21.79 3.57 -9.06
C ARG D 49 -21.42 3.95 -7.64
N ARG D 50 -22.22 3.51 -6.66
CA ARG D 50 -22.10 3.93 -5.27
C ARG D 50 -21.23 3.05 -4.37
N VAL D 51 -21.08 1.74 -4.68
CA VAL D 51 -20.37 0.83 -3.79
C VAL D 51 -19.18 0.24 -4.52
N GLN D 52 -19.44 -0.68 -5.48
CA GLN D 52 -18.42 -1.34 -6.30
C GLN D 52 -19.09 -2.16 -7.38
N ILE D 53 -18.30 -2.52 -8.40
CA ILE D 53 -18.77 -3.33 -9.49
C ILE D 53 -18.60 -4.77 -9.01
N LEU D 54 -19.70 -5.36 -8.62
CA LEU D 54 -19.72 -6.72 -8.10
C LEU D 54 -19.76 -7.76 -9.20
N THR D 55 -19.19 -8.93 -8.93
CA THR D 55 -19.25 -10.08 -9.83
C THR D 55 -20.66 -10.64 -9.72
N ASP D 56 -21.08 -11.53 -10.64
CA ASP D 56 -22.42 -12.13 -10.58
C ASP D 56 -22.63 -12.88 -9.27
N GLU D 57 -21.59 -13.57 -8.78
CA GLU D 57 -21.62 -14.33 -7.53
C GLU D 57 -21.78 -13.40 -6.33
N GLN D 58 -20.99 -12.32 -6.27
CA GLN D 58 -21.07 -11.34 -5.19
C GLN D 58 -22.42 -10.63 -5.20
N PHE D 59 -22.92 -10.28 -6.39
CA PHE D 59 -24.22 -9.60 -6.50
C PHE D 59 -25.36 -10.54 -6.07
N GLY D 60 -25.30 -11.81 -6.49
CA GLY D 60 -26.29 -12.82 -6.11
C GLY D 60 -26.44 -12.95 -4.60
N ARG D 61 -25.30 -12.97 -3.88
CA ARG D 61 -25.25 -13.01 -2.41
C ARG D 61 -25.77 -11.72 -1.78
N LEU D 62 -25.40 -10.55 -2.37
CA LEU D 62 -25.93 -9.29 -1.88
C LEU D 62 -27.45 -9.25 -2.05
N TRP D 63 -27.96 -9.64 -3.24
CA TRP D 63 -29.39 -9.64 -3.56
C TRP D 63 -30.19 -10.53 -2.56
N ASN D 64 -29.58 -11.65 -2.10
CA ASN D 64 -30.16 -12.54 -1.08
C ASN D 64 -30.38 -11.82 0.24
N GLU D 65 -29.61 -10.76 0.52
CA GLU D 65 -29.72 -10.04 1.79
C GLU D 65 -30.65 -8.84 1.68
N PRO D 67 -34.26 -6.49 0.73
CA PRO D 67 -35.73 -6.71 0.86
C PRO D 67 -36.33 -6.77 -0.55
N VAL D 68 -36.67 -7.96 -0.98
CA VAL D 68 -37.15 -8.20 -2.35
C VAL D 68 -38.62 -8.63 -2.32
N ASN D 69 -39.46 -8.08 -3.21
CA ASN D 69 -40.89 -8.43 -3.20
C ASN D 69 -41.14 -9.73 -4.02
N ALA D 70 -42.41 -10.16 -4.11
CA ALA D 70 -42.87 -11.38 -4.77
C ALA D 70 -42.59 -11.38 -6.27
N LYS D 71 -42.34 -10.21 -6.86
CA LYS D 71 -42.06 -10.09 -8.29
C LYS D 71 -40.55 -9.93 -8.57
N GLY D 72 -39.72 -10.18 -7.57
CA GLY D 72 -38.28 -10.09 -7.73
C GLY D 72 -37.77 -8.66 -7.89
N ARG D 73 -38.48 -7.70 -7.32
CA ARG D 73 -38.08 -6.30 -7.42
C ARG D 73 -37.64 -5.79 -6.06
N LEU D 74 -36.73 -4.82 -6.04
CA LEU D 74 -36.24 -4.24 -4.78
C LEU D 74 -37.26 -3.31 -4.13
N LYS D 75 -37.58 -3.55 -2.84
CA LYS D 75 -38.46 -2.67 -2.03
C LYS D 75 -37.56 -1.57 -1.51
N TYR D 76 -37.33 -0.54 -2.33
CA TYR D 76 -36.34 0.50 -2.05
C TYR D 76 -36.65 1.33 -0.76
N PRO D 77 -37.92 1.65 -0.35
CA PRO D 77 -38.11 2.35 0.93
C PRO D 77 -37.59 1.50 2.10
N ASP D 78 -37.81 0.18 2.09
CA ASP D 78 -37.29 -0.74 3.13
C ASP D 78 -35.76 -0.73 3.13
N PHE D 79 -35.17 -0.75 1.95
CA PHE D 79 -33.72 -0.69 1.79
C PHE D 79 -33.17 0.62 2.38
N LEU D 80 -33.80 1.76 2.05
CA LEU D 80 -33.34 3.07 2.52
C LEU D 80 -33.44 3.17 4.03
N SER D 81 -34.52 2.61 4.63
CA SER D 81 -34.70 2.68 6.08
CA SER D 81 -34.74 2.64 6.07
C SER D 81 -33.65 1.82 6.79
N ARG D 82 -33.33 0.63 6.25
CA ARG D 82 -32.33 -0.24 6.85
C ARG D 82 -30.90 0.33 6.75
N PHE D 83 -30.51 0.83 5.59
CA PHE D 83 -29.13 1.24 5.33
C PHE D 83 -28.83 2.71 5.66
N SER D 84 -29.80 3.47 6.20
CA SER D 84 -29.55 4.85 6.62
C SER D 84 -29.56 4.92 8.16
N SER D 85 -29.93 3.80 8.82
CA SER D 85 -30.08 3.71 10.28
C SER D 85 -28.73 3.52 10.98
N GLU D 86 -28.37 4.51 11.86
CA GLU D 86 -27.13 4.61 12.65
C GLU D 86 -26.69 3.27 13.24
N THR D 87 -25.48 2.82 12.85
CA THR D 87 -24.88 1.54 13.27
C THR D 87 -24.30 1.66 14.70
N ALA D 88 -24.60 0.65 15.54
CA ALA D 88 -24.12 0.56 16.92
C ALA D 88 -22.58 0.51 16.95
N ALA D 89 -21.98 1.37 17.80
CA ALA D 89 -20.52 1.52 17.97
C ALA D 89 -19.81 0.17 18.23
N THR D 90 -18.64 -0.02 17.62
CA THR D 90 -17.86 -1.24 17.81
C THR D 90 -17.05 -1.09 19.12
N PRO D 91 -17.19 -2.03 20.08
CA PRO D 91 -16.45 -1.91 21.36
C PRO D 91 -14.93 -1.89 21.12
N ALA D 93 -10.87 -0.45 22.90
CA ALA D 93 -10.12 -0.02 24.08
C ALA D 93 -9.47 1.34 23.83
N THR D 94 -9.18 2.08 24.94
CA THR D 94 -8.56 3.40 24.90
C THR D 94 -7.23 3.35 25.66
N GLY D 95 -6.19 3.98 25.10
CA GLY D 95 -4.87 4.04 25.71
C GLY D 95 -3.99 2.83 25.48
N ASP D 96 -2.70 2.95 25.83
CA ASP D 96 -1.68 1.90 25.66
C ASP D 96 -1.63 0.96 26.87
N SER D 97 -1.63 -0.35 26.58
CA SER D 97 -1.56 -1.45 27.54
C SER D 97 -0.20 -2.13 27.44
N ALA D 98 0.70 -1.90 28.40
CA ALA D 98 2.05 -2.46 28.39
C ALA D 98 2.13 -3.76 29.18
#